data_6HDX
#
_entry.id   6HDX
#
_cell.length_a   83.860
_cell.length_b   83.860
_cell.length_c   219.700
_cell.angle_alpha   90.00
_cell.angle_beta   90.00
_cell.angle_gamma   90.00
#
_symmetry.space_group_name_H-M   'P 41 21 2'
#
loop_
_entity.id
_entity.type
_entity.pdbx_description
1 polymer '2-hydroxyisobutyryl-CoA synthetase'
2 non-polymer '[[(2~{R},3~{S},4~{R},5~{R})-5-(6-aminopurin-9-yl)-3,4-bis(oxidanyl)oxolan-2-yl]methoxy-oxidanyl-phosphoryl] (2~{R})-2-methyl-3-oxidanyl-propanoate'
3 non-polymer '(2R)-3-HYDROXY-2-METHYLPROPANOIC ACID'
4 water water
#
_entity_poly.entity_id   1
_entity_poly.type   'polypeptide(L)'
_entity_poly.pdbx_seq_one_letter_code
;MASHHHHHHSGMEEWNFPVEYDENYLPPADSRYWFPRRETMPAAERDKAILGRLQQVCQYAWEHAPFYRRKWEEAGFQPS
QLKSLEDFEARVPVVKKTDLRESQAAHPPFGDYVCVPNSEIFHVHGTSGTTGRPTAFGIGRADWRAIANAHARIMWGMGI
RPGDLVCVAAVFSLYMGSWGALAGAERLRAKAFPFGAGAPGMSARLVQWLDTMKPAAFYGTPSYAIHLAEVAREEKLNPR
NFGLKCLFFSGEPGASVPGVKDRIEEAYGAKVYDCGSMAEMSPFMNVAGTEQSNDGMLCWQDIIYTEVCDPANMRRVPYG
QRGTPVYTHLERTSQPMIRLLSGDLTLWTNDENPCGRTYPRLPQGIFGRIDDMFTIRGENIYPSEIDAALNQMSGYGGEH
RIVITRESAMDELLLRVEPSESVHAAGAAALETFRTEASHRVQTVLGVRAKVELVAPNSIARTDFKARRVIDDREVFRAL
NQQLQSSAGSAWSHPQFEK
;
_entity_poly.pdbx_strand_id   A
#
# COMPACT_ATOMS: atom_id res chain seq x y z
N SER A 10 27.81 -6.43 -14.18
CA SER A 10 26.39 -6.67 -13.94
C SER A 10 25.51 -6.28 -15.14
N GLY A 11 25.78 -5.12 -15.74
CA GLY A 11 25.02 -4.57 -16.86
C GLY A 11 23.78 -3.81 -16.44
N MET A 12 23.58 -3.68 -15.12
CA MET A 12 22.46 -2.97 -14.48
C MET A 12 22.51 -1.49 -14.84
N GLU A 13 21.40 -0.99 -15.42
CA GLU A 13 21.26 0.37 -15.92
C GLU A 13 21.33 1.38 -14.81
N GLU A 14 22.23 2.37 -14.97
CA GLU A 14 22.51 3.50 -14.07
C GLU A 14 22.66 3.07 -12.62
N TRP A 15 23.39 1.95 -12.41
CA TRP A 15 23.62 1.33 -11.12
C TRP A 15 24.79 1.95 -10.36
N ASN A 16 24.52 3.01 -9.59
CA ASN A 16 25.54 3.62 -8.73
C ASN A 16 24.93 4.21 -7.49
N PHE A 17 25.73 4.33 -6.42
CA PHE A 17 25.33 4.97 -5.17
C PHE A 17 26.35 6.08 -4.83
N PRO A 18 25.87 7.33 -4.60
CA PRO A 18 24.49 7.82 -4.71
C PRO A 18 24.02 7.74 -6.17
N VAL A 19 22.72 7.48 -6.39
CA VAL A 19 22.16 7.34 -7.73
C VAL A 19 21.99 8.73 -8.40
N GLU A 20 22.04 8.77 -9.74
CA GLU A 20 21.97 9.99 -10.52
C GLU A 20 21.46 9.70 -11.93
N TYR A 21 20.13 9.56 -12.06
CA TYR A 21 19.47 9.18 -13.31
C TYR A 21 19.47 10.21 -14.43
N ASP A 22 19.61 9.73 -15.68
CA ASP A 22 19.46 10.53 -16.89
C ASP A 22 17.95 10.89 -16.93
N GLU A 23 17.64 12.20 -16.81
CA GLU A 23 16.29 12.76 -16.81
C GLU A 23 15.65 12.76 -18.19
N ASN A 24 16.46 12.59 -19.26
CA ASN A 24 16.00 12.59 -20.65
C ASN A 24 15.75 11.20 -21.24
N TYR A 25 16.04 10.14 -20.50
CA TYR A 25 15.81 8.78 -20.97
C TYR A 25 14.32 8.37 -20.97
N LEU A 26 13.86 7.83 -22.10
CA LEU A 26 12.55 7.21 -22.28
C LEU A 26 12.82 5.85 -22.94
N PRO A 27 12.23 4.74 -22.43
CA PRO A 27 12.46 3.43 -23.07
C PRO A 27 11.88 3.40 -24.49
N PRO A 28 12.29 2.45 -25.38
CA PRO A 28 11.67 2.41 -26.72
C PRO A 28 10.17 2.13 -26.59
N ALA A 29 9.35 2.69 -27.50
CA ALA A 29 7.89 2.53 -27.46
C ALA A 29 7.42 1.05 -27.42
N ASP A 30 8.18 0.14 -28.04
CA ASP A 30 7.85 -1.28 -28.09
C ASP A 30 8.38 -2.11 -26.90
N SER A 31 9.09 -1.49 -25.92
CA SER A 31 9.61 -2.23 -24.76
C SER A 31 8.61 -2.35 -23.60
N ARG A 32 8.53 -3.57 -23.01
CA ARG A 32 7.67 -3.84 -21.85
C ARG A 32 8.31 -3.29 -20.54
N TYR A 33 9.67 -3.29 -20.52
CA TYR A 33 10.48 -2.91 -19.37
C TYR A 33 11.13 -1.53 -19.51
N TRP A 34 11.19 -0.76 -18.41
CA TRP A 34 11.87 0.52 -18.38
C TRP A 34 13.37 0.23 -18.36
N PHE A 35 13.81 -0.68 -17.46
CA PHE A 35 15.21 -1.13 -17.39
C PHE A 35 15.24 -2.64 -17.64
N PRO A 36 15.42 -3.10 -18.92
CA PRO A 36 15.38 -4.55 -19.20
C PRO A 36 16.33 -5.41 -18.39
N ARG A 37 17.58 -4.97 -18.15
CA ARG A 37 18.52 -5.78 -17.37
C ARG A 37 18.10 -5.93 -15.92
N ARG A 38 18.08 -4.81 -15.15
CA ARG A 38 17.70 -4.78 -13.73
C ARG A 38 16.41 -5.56 -13.41
N GLU A 39 15.40 -5.45 -14.29
CA GLU A 39 14.08 -6.05 -14.16
C GLU A 39 14.01 -7.54 -14.52
N THR A 40 14.81 -8.02 -15.48
CA THR A 40 14.71 -9.40 -15.95
C THR A 40 15.98 -10.26 -15.76
N MET A 41 17.09 -9.72 -15.18
CA MET A 41 18.34 -10.48 -14.95
C MET A 41 18.18 -11.72 -14.03
N PRO A 42 19.10 -12.75 -14.01
CA PRO A 42 18.92 -13.84 -13.03
C PRO A 42 18.95 -13.27 -11.61
N ALA A 43 17.99 -13.70 -10.75
CA ALA A 43 17.80 -13.24 -9.36
C ALA A 43 19.04 -13.40 -8.48
N ALA A 44 19.87 -14.42 -8.75
CA ALA A 44 21.13 -14.71 -8.05
C ALA A 44 22.19 -13.66 -8.41
N GLU A 45 22.21 -13.20 -9.69
CA GLU A 45 23.10 -12.15 -10.19
C GLU A 45 22.69 -10.78 -9.62
N ARG A 46 21.36 -10.56 -9.43
CA ARG A 46 20.84 -9.30 -8.88
C ARG A 46 21.10 -9.23 -7.37
N ASP A 47 21.00 -10.40 -6.67
CA ASP A 47 21.21 -10.51 -5.23
C ASP A 47 22.65 -10.23 -4.82
N LYS A 48 23.63 -10.51 -5.72
CA LYS A 48 25.03 -10.22 -5.45
C LYS A 48 25.26 -8.71 -5.49
N ALA A 49 24.59 -8.02 -6.42
CA ALA A 49 24.68 -6.59 -6.59
C ALA A 49 23.94 -5.88 -5.44
N ILE A 50 22.76 -6.44 -5.02
CA ILE A 50 21.97 -5.91 -3.89
C ILE A 50 22.86 -5.95 -2.65
N LEU A 51 23.56 -7.08 -2.42
CA LEU A 51 24.49 -7.28 -1.31
C LEU A 51 25.58 -6.21 -1.35
N GLY A 52 26.18 -6.01 -2.52
CA GLY A 52 27.18 -4.96 -2.76
C GLY A 52 26.64 -3.59 -2.38
N ARG A 53 25.41 -3.26 -2.83
CA ARG A 53 24.76 -1.98 -2.54
C ARG A 53 24.45 -1.81 -1.05
N LEU A 54 24.00 -2.90 -0.40
CA LEU A 54 23.68 -2.99 1.02
C LEU A 54 24.88 -2.57 1.86
N GLN A 55 26.10 -2.95 1.41
CA GLN A 55 27.36 -2.60 2.05
C GLN A 55 27.63 -1.09 1.92
N GLN A 56 27.43 -0.52 0.69
CA GLN A 56 27.61 0.89 0.37
C GLN A 56 26.68 1.76 1.24
N VAL A 57 25.41 1.35 1.36
CA VAL A 57 24.37 2.02 2.14
C VAL A 57 24.72 2.01 3.64
N CYS A 58 25.08 0.84 4.17
CA CYS A 58 25.42 0.70 5.60
C CYS A 58 26.67 1.50 5.98
N GLN A 59 27.65 1.59 5.07
CA GLN A 59 28.87 2.38 5.24
C GLN A 59 28.46 3.86 5.24
N TYR A 60 27.58 4.23 4.29
CA TYR A 60 27.03 5.58 4.18
C TYR A 60 26.31 6.00 5.48
N ALA A 61 25.41 5.13 6.01
CA ALA A 61 24.64 5.39 7.24
C ALA A 61 25.53 5.48 8.48
N TRP A 62 26.54 4.61 8.58
CA TRP A 62 27.55 4.60 9.65
C TRP A 62 28.28 5.94 9.70
N GLU A 63 28.65 6.46 8.53
CA GLU A 63 29.35 7.74 8.41
C GLU A 63 28.49 8.96 8.71
N HIS A 64 27.22 8.97 8.22
CA HIS A 64 26.39 10.18 8.30
C HIS A 64 25.23 10.18 9.30
N ALA A 65 24.87 9.02 9.88
CA ALA A 65 23.73 8.92 10.81
C ALA A 65 24.11 8.42 12.22
N PRO A 66 24.14 9.28 13.26
CA PRO A 66 24.43 8.76 14.61
C PRO A 66 23.34 7.81 15.13
N PHE A 67 22.10 7.89 14.57
CA PHE A 67 21.01 6.99 14.92
C PHE A 67 21.43 5.56 14.57
N TYR A 68 21.94 5.33 13.34
CA TYR A 68 22.37 4.01 12.91
C TYR A 68 23.64 3.59 13.60
N ARG A 69 24.58 4.52 13.80
CA ARG A 69 25.82 4.26 14.53
C ARG A 69 25.50 3.75 15.95
N ARG A 70 24.58 4.44 16.68
CA ARG A 70 24.17 4.03 18.03
C ARG A 70 23.43 2.70 18.08
N LYS A 71 22.44 2.51 17.20
CA LYS A 71 21.60 1.32 17.13
C LYS A 71 22.39 0.07 16.81
N TRP A 72 23.30 0.18 15.83
CA TRP A 72 24.13 -0.93 15.37
C TRP A 72 25.18 -1.33 16.37
N GLU A 73 25.76 -0.36 17.10
CA GLU A 73 26.77 -0.63 18.14
C GLU A 73 26.13 -1.40 19.29
N GLU A 74 24.88 -1.03 19.65
CA GLU A 74 24.09 -1.67 20.69
C GLU A 74 23.77 -3.14 20.35
N ALA A 75 23.52 -3.45 19.05
CA ALA A 75 23.24 -4.81 18.55
C ALA A 75 24.50 -5.61 18.18
N GLY A 76 25.68 -5.00 18.36
CA GLY A 76 26.96 -5.64 18.07
C GLY A 76 27.24 -5.80 16.60
N PHE A 77 26.88 -4.78 15.80
CA PHE A 77 27.05 -4.78 14.35
C PHE A 77 27.84 -3.59 13.80
N GLN A 78 28.73 -3.86 12.84
CA GLN A 78 29.46 -2.83 12.07
C GLN A 78 29.42 -3.24 10.57
N PRO A 79 29.26 -2.27 9.61
CA PRO A 79 29.07 -2.65 8.19
C PRO A 79 29.99 -3.71 7.58
N SER A 80 31.20 -3.87 8.14
CA SER A 80 32.19 -4.85 7.68
C SER A 80 31.76 -6.29 7.89
N GLN A 81 30.82 -6.53 8.83
CA GLN A 81 30.30 -7.87 9.15
C GLN A 81 29.19 -8.32 8.17
N LEU A 82 28.82 -7.44 7.22
CA LEU A 82 27.84 -7.74 6.18
C LEU A 82 28.60 -8.44 5.03
N LYS A 83 28.62 -9.79 5.04
CA LYS A 83 29.34 -10.59 4.04
C LYS A 83 28.38 -11.42 3.17
N SER A 84 27.09 -11.41 3.52
CA SER A 84 26.00 -12.12 2.82
C SER A 84 24.64 -11.55 3.24
N LEU A 85 23.58 -11.94 2.51
CA LEU A 85 22.20 -11.57 2.77
C LEU A 85 21.72 -12.22 4.08
N GLU A 86 22.32 -13.38 4.41
CA GLU A 86 22.07 -14.10 5.66
C GLU A 86 22.63 -13.30 6.85
N ASP A 87 23.80 -12.62 6.68
CA ASP A 87 24.39 -11.74 7.71
C ASP A 87 23.49 -10.54 7.97
N PHE A 88 22.93 -9.96 6.89
CA PHE A 88 22.02 -8.82 6.92
C PHE A 88 20.79 -9.09 7.78
N GLU A 89 20.08 -10.20 7.55
CA GLU A 89 18.88 -10.54 8.31
C GLU A 89 19.12 -10.92 9.78
N ALA A 90 20.30 -11.48 10.07
CA ALA A 90 20.66 -11.98 11.39
C ALA A 90 21.39 -10.97 12.29
N ARG A 91 22.27 -10.12 11.70
CA ARG A 91 23.09 -9.16 12.46
C ARG A 91 22.52 -7.75 12.54
N VAL A 92 21.85 -7.27 11.48
CA VAL A 92 21.31 -5.92 11.42
C VAL A 92 19.99 -5.85 12.19
N PRO A 93 19.91 -5.02 13.27
CA PRO A 93 18.65 -4.90 14.00
C PRO A 93 17.59 -4.15 13.18
N VAL A 94 16.33 -4.54 13.31
CA VAL A 94 15.26 -3.84 12.61
C VAL A 94 15.00 -2.48 13.24
N VAL A 95 14.62 -1.52 12.41
CA VAL A 95 14.20 -0.19 12.82
C VAL A 95 12.67 -0.24 13.03
N LYS A 96 12.19 0.30 14.15
CA LYS A 96 10.77 0.43 14.42
C LYS A 96 10.36 1.89 14.24
N LYS A 97 9.10 2.13 13.86
CA LYS A 97 8.50 3.46 13.70
C LYS A 97 8.67 4.28 15.03
N THR A 98 8.53 3.60 16.19
CA THR A 98 8.75 4.20 17.52
C THR A 98 10.19 4.71 17.67
N ASP A 99 11.21 4.02 17.07
CA ASP A 99 12.62 4.45 17.11
C ASP A 99 12.79 5.75 16.35
N LEU A 100 12.09 5.88 15.21
CA LEU A 100 12.12 7.08 14.37
C LEU A 100 11.55 8.29 15.14
N ARG A 101 10.47 8.08 15.92
CA ARG A 101 9.83 9.10 16.76
C ARG A 101 10.78 9.61 17.83
N GLU A 102 11.38 8.69 18.67
CA GLU A 102 12.31 9.08 19.74
C GLU A 102 13.50 9.88 19.17
N SER A 103 14.03 9.45 18.00
CA SER A 103 15.15 10.10 17.32
C SER A 103 14.78 11.55 16.91
N GLN A 104 13.57 11.74 16.34
CA GLN A 104 13.05 13.04 15.95
C GLN A 104 12.81 13.93 17.17
N ALA A 105 12.29 13.34 18.29
CA ALA A 105 12.12 14.10 19.54
C ALA A 105 13.49 14.56 20.10
N ALA A 106 14.49 13.65 20.15
CA ALA A 106 15.84 13.99 20.66
C ALA A 106 16.67 14.83 19.69
N HIS A 107 16.45 14.68 18.36
CA HIS A 107 17.16 15.44 17.32
C HIS A 107 16.17 16.06 16.32
N PRO A 108 15.45 17.12 16.73
CA PRO A 108 14.46 17.72 15.83
C PRO A 108 15.05 18.55 14.70
N PRO A 109 14.36 18.65 13.55
CA PRO A 109 13.05 18.06 13.22
C PRO A 109 13.05 16.69 12.51
N PHE A 110 14.15 16.26 11.89
CA PHE A 110 14.23 15.06 11.07
C PHE A 110 14.89 13.81 11.68
N GLY A 111 15.44 13.94 12.90
CA GLY A 111 16.09 12.83 13.58
C GLY A 111 17.56 12.69 13.28
N ASP A 112 18.22 11.75 13.98
CA ASP A 112 19.65 11.53 13.77
C ASP A 112 19.93 10.54 12.66
N TYR A 113 18.95 10.36 11.74
CA TYR A 113 19.06 9.47 10.59
C TYR A 113 18.87 10.27 9.28
N VAL A 114 18.77 11.62 9.37
CA VAL A 114 18.60 12.51 8.21
C VAL A 114 19.75 12.36 7.18
N CYS A 115 21.03 12.25 7.64
CA CYS A 115 22.26 12.01 6.85
C CYS A 115 22.70 13.19 6.02
N VAL A 116 21.82 13.75 5.18
CA VAL A 116 22.16 14.87 4.30
C VAL A 116 22.28 16.17 5.11
N PRO A 117 23.05 17.19 4.65
CA PRO A 117 23.04 18.46 5.38
C PRO A 117 21.65 19.06 5.23
N ASN A 118 21.24 19.88 6.21
CA ASN A 118 20.00 20.63 6.26
C ASN A 118 19.72 21.37 4.94
N SER A 119 20.78 21.96 4.34
CA SER A 119 20.76 22.69 3.08
C SER A 119 20.34 21.85 1.86
N GLU A 120 20.37 20.51 1.96
CA GLU A 120 20.01 19.62 0.83
C GLU A 120 18.49 19.29 0.82
N ILE A 121 17.78 19.53 1.94
CA ILE A 121 16.33 19.22 2.05
C ILE A 121 15.52 20.05 1.03
N PHE A 122 14.75 19.31 0.22
CA PHE A 122 13.93 19.83 -0.87
C PHE A 122 12.43 19.89 -0.51
N HIS A 123 11.89 18.83 0.09
CA HIS A 123 10.49 18.76 0.47
C HIS A 123 10.33 18.27 1.88
N VAL A 124 9.32 18.83 2.57
CA VAL A 124 8.91 18.45 3.91
C VAL A 124 7.50 17.83 3.84
N HIS A 125 7.37 16.59 4.30
CA HIS A 125 6.10 15.87 4.40
C HIS A 125 6.11 15.16 5.74
N GLY A 126 5.21 14.22 5.94
CA GLY A 126 5.18 13.47 7.18
C GLY A 126 4.00 12.53 7.33
N THR A 127 3.78 12.09 8.57
CA THR A 127 2.65 11.22 8.97
C THR A 127 1.64 12.07 9.80
N SER A 128 0.38 11.58 9.92
CA SER A 128 -0.68 12.22 10.71
C SER A 128 -1.63 11.19 11.32
N ARG A 133 2.80 10.13 18.09
CA ARG A 133 3.52 11.30 17.60
C ARG A 133 3.81 11.20 16.09
N PRO A 134 3.59 12.29 15.32
CA PRO A 134 3.86 12.21 13.87
C PRO A 134 5.34 12.42 13.54
N THR A 135 5.80 11.83 12.43
CA THR A 135 7.19 12.02 12.03
C THR A 135 7.27 12.88 10.80
N ALA A 136 8.29 13.70 10.74
CA ALA A 136 8.56 14.58 9.60
C ALA A 136 9.51 13.90 8.63
N PHE A 137 9.20 14.01 7.34
CA PHE A 137 10.06 13.55 6.28
C PHE A 137 10.76 14.78 5.70
N GLY A 138 12.08 14.73 5.72
CA GLY A 138 12.98 15.73 5.18
C GLY A 138 13.66 15.04 4.02
N ILE A 139 13.10 15.22 2.83
CA ILE A 139 13.59 14.54 1.62
C ILE A 139 14.48 15.46 0.78
N GLY A 140 15.70 14.99 0.49
CA GLY A 140 16.66 15.72 -0.31
C GLY A 140 16.26 15.78 -1.77
N ARG A 141 16.84 16.75 -2.49
CA ARG A 141 16.61 16.98 -3.92
C ARG A 141 16.96 15.74 -4.75
N ALA A 142 18.13 15.13 -4.47
CA ALA A 142 18.59 13.93 -5.17
C ALA A 142 17.64 12.75 -4.96
N ASP A 143 17.14 12.53 -3.72
CA ASP A 143 16.16 11.47 -3.42
C ASP A 143 14.83 11.70 -4.12
N TRP A 144 14.35 12.96 -4.20
CA TRP A 144 13.11 13.29 -4.89
C TRP A 144 13.22 12.82 -6.37
N ARG A 145 14.39 13.05 -7.00
CA ARG A 145 14.71 12.58 -8.37
C ARG A 145 14.76 11.05 -8.42
N ALA A 146 15.37 10.41 -7.42
CA ALA A 146 15.45 8.93 -7.34
C ALA A 146 14.03 8.31 -7.22
N ILE A 147 13.13 9.00 -6.48
CA ILE A 147 11.72 8.59 -6.27
C ILE A 147 10.94 8.73 -7.59
N ALA A 148 11.05 9.91 -8.26
CA ALA A 148 10.38 10.19 -9.54
C ALA A 148 10.75 9.17 -10.64
N ASN A 149 12.06 8.83 -10.74
CA ASN A 149 12.58 7.87 -11.72
C ASN A 149 12.12 6.46 -11.43
N ALA A 150 12.18 6.04 -10.15
CA ALA A 150 11.69 4.73 -9.71
C ALA A 150 10.23 4.59 -10.05
N HIS A 151 9.42 5.63 -9.76
CA HIS A 151 7.97 5.57 -9.98
C HIS A 151 7.58 5.59 -11.45
N ALA A 152 8.25 6.41 -12.31
CA ALA A 152 8.00 6.44 -13.77
C ALA A 152 8.24 5.04 -14.37
N ARG A 153 9.33 4.38 -13.93
CA ARG A 153 9.72 3.02 -14.31
C ARG A 153 8.63 1.96 -13.98
N ILE A 154 8.13 1.99 -12.74
CA ILE A 154 7.10 1.06 -12.27
C ILE A 154 5.73 1.37 -12.95
N MET A 155 5.41 2.67 -13.18
CA MET A 155 4.17 3.08 -13.88
C MET A 155 4.20 2.62 -15.35
N TRP A 156 5.40 2.64 -15.98
CA TRP A 156 5.62 2.15 -17.33
C TRP A 156 5.31 0.64 -17.33
N GLY A 157 5.70 -0.05 -16.26
CA GLY A 157 5.42 -1.48 -16.06
C GLY A 157 3.94 -1.81 -16.03
N MET A 158 3.11 -0.83 -15.59
CA MET A 158 1.66 -0.94 -15.52
C MET A 158 1.01 -0.62 -16.88
N GLY A 159 1.83 -0.30 -17.89
CA GLY A 159 1.38 0.06 -19.22
C GLY A 159 1.07 1.55 -19.40
N ILE A 160 1.43 2.39 -18.40
CA ILE A 160 1.21 3.83 -18.46
C ILE A 160 2.35 4.40 -19.32
N ARG A 161 2.02 5.32 -20.22
CA ARG A 161 2.98 5.80 -21.20
C ARG A 161 3.08 7.32 -21.29
N PRO A 162 4.21 7.87 -21.87
CA PRO A 162 4.29 9.33 -22.10
C PRO A 162 3.07 9.85 -22.88
N GLY A 163 2.56 11.01 -22.46
CA GLY A 163 1.40 11.62 -23.09
C GLY A 163 0.06 11.17 -22.54
N ASP A 164 0.03 10.08 -21.77
CA ASP A 164 -1.20 9.62 -21.10
C ASP A 164 -1.59 10.61 -20.00
N LEU A 165 -2.88 10.93 -19.92
CA LEU A 165 -3.44 11.76 -18.88
C LEU A 165 -3.58 10.89 -17.60
N VAL A 166 -2.84 11.25 -16.53
CA VAL A 166 -2.85 10.52 -15.27
C VAL A 166 -3.50 11.37 -14.18
N CYS A 167 -4.70 10.97 -13.74
CA CYS A 167 -5.39 11.66 -12.66
C CYS A 167 -4.86 11.19 -11.30
N VAL A 168 -4.21 12.09 -10.53
CA VAL A 168 -3.71 11.80 -9.17
C VAL A 168 -4.78 12.36 -8.21
N ALA A 169 -5.60 11.46 -7.67
CA ALA A 169 -6.74 11.80 -6.84
C ALA A 169 -6.64 11.31 -5.39
N ALA A 170 -5.59 11.72 -4.71
CA ALA A 170 -5.39 11.51 -3.25
C ALA A 170 -4.93 12.89 -2.72
N VAL A 171 -5.17 13.16 -1.44
CA VAL A 171 -4.84 14.42 -0.80
C VAL A 171 -3.34 14.82 -0.99
N PHE A 172 -3.07 16.07 -1.41
CA PHE A 172 -1.71 16.59 -1.53
C PHE A 172 -1.45 17.42 -0.29
N SER A 173 -0.79 16.82 0.68
CA SER A 173 -0.49 17.42 1.99
C SER A 173 0.73 16.68 2.54
N LEU A 174 0.69 16.27 3.84
CA LEU A 174 1.76 15.50 4.49
C LEU A 174 1.95 14.13 3.82
N TYR A 175 0.85 13.53 3.37
CA TYR A 175 0.76 12.18 2.78
C TYR A 175 1.63 11.99 1.53
N MET A 176 2.51 10.98 1.54
CA MET A 176 3.45 10.72 0.44
C MET A 176 2.87 10.13 -0.82
N GLY A 177 1.75 9.41 -0.69
CA GLY A 177 1.09 8.73 -1.79
C GLY A 177 0.86 9.54 -3.03
N SER A 178 0.13 10.66 -2.86
CA SER A 178 -0.21 11.59 -3.94
C SER A 178 1.05 12.17 -4.61
N TRP A 179 2.00 12.69 -3.81
CA TRP A 179 3.26 13.29 -4.28
C TRP A 179 4.07 12.27 -5.06
N GLY A 180 4.13 11.04 -4.54
CA GLY A 180 4.83 9.94 -5.19
C GLY A 180 4.31 9.56 -6.57
N ALA A 181 2.99 9.52 -6.73
CA ALA A 181 2.36 9.17 -8.02
C ALA A 181 2.52 10.35 -9.02
N LEU A 182 2.43 11.59 -8.50
CA LEU A 182 2.64 12.80 -9.32
C LEU A 182 4.11 12.85 -9.87
N ALA A 183 5.11 12.65 -8.98
CA ALA A 183 6.54 12.68 -9.37
C ALA A 183 6.84 11.65 -10.46
N GLY A 184 6.19 10.49 -10.39
CA GLY A 184 6.29 9.41 -11.38
C GLY A 184 5.63 9.80 -12.69
N ALA A 185 4.42 10.39 -12.62
CA ALA A 185 3.69 10.87 -13.80
C ALA A 185 4.49 11.94 -14.55
N GLU A 186 5.11 12.88 -13.79
CA GLU A 186 5.97 13.95 -14.31
C GLU A 186 7.17 13.39 -15.06
N ARG A 187 7.93 12.45 -14.43
CA ARG A 187 9.13 11.82 -15.02
C ARG A 187 8.79 10.92 -16.25
N LEU A 188 7.63 10.24 -16.21
CA LEU A 188 7.15 9.40 -17.31
C LEU A 188 6.76 10.23 -18.56
N ARG A 189 6.72 11.57 -18.41
CA ARG A 189 6.30 12.54 -19.43
C ARG A 189 4.82 12.32 -19.76
N ALA A 190 4.04 11.92 -18.75
CA ALA A 190 2.59 11.75 -18.87
C ALA A 190 2.01 13.17 -18.69
N LYS A 191 0.72 13.35 -18.96
CA LYS A 191 0.08 14.64 -18.67
C LYS A 191 -0.38 14.52 -17.19
N ALA A 192 0.44 15.01 -16.24
CA ALA A 192 0.08 14.88 -14.81
C ALA A 192 -1.12 15.74 -14.47
N PHE A 193 -2.19 15.11 -13.97
CA PHE A 193 -3.41 15.83 -13.58
C PHE A 193 -3.61 15.70 -12.04
N PRO A 194 -2.92 16.56 -11.22
CA PRO A 194 -3.06 16.43 -9.76
C PRO A 194 -4.30 17.11 -9.18
N PHE A 195 -5.44 16.45 -9.35
CA PHE A 195 -6.72 16.93 -8.84
C PHE A 195 -6.74 16.86 -7.31
N GLY A 196 -6.10 15.86 -6.72
CA GLY A 196 -6.09 15.79 -5.26
C GLY A 196 -7.38 15.29 -4.66
N ALA A 197 -7.56 15.51 -3.35
CA ALA A 197 -8.73 15.03 -2.61
C ALA A 197 -8.77 15.70 -1.26
N GLY A 198 -9.85 15.46 -0.50
CA GLY A 198 -9.98 15.94 0.87
C GLY A 198 -11.01 16.99 1.16
N ALA A 199 -11.30 17.89 0.20
CA ALA A 199 -12.25 18.98 0.44
C ALA A 199 -13.65 18.63 0.05
N PRO A 200 -14.69 19.12 0.80
CA PRO A 200 -16.08 18.84 0.40
C PRO A 200 -16.39 19.45 -0.96
N GLY A 201 -17.12 18.71 -1.79
CA GLY A 201 -17.48 19.14 -3.12
C GLY A 201 -16.51 18.71 -4.19
N MET A 202 -15.33 18.19 -3.80
CA MET A 202 -14.32 17.77 -4.78
C MET A 202 -14.71 16.59 -5.66
N SER A 203 -15.35 15.56 -5.07
CA SER A 203 -15.74 14.34 -5.77
C SER A 203 -16.79 14.57 -6.85
N ALA A 204 -17.77 15.44 -6.57
CA ALA A 204 -18.82 15.78 -7.55
C ALA A 204 -18.18 16.51 -8.74
N ARG A 205 -17.15 17.34 -8.49
CA ARG A 205 -16.43 18.07 -9.54
C ARG A 205 -15.53 17.13 -10.35
N LEU A 206 -14.83 16.20 -9.67
CA LEU A 206 -13.92 15.23 -10.29
C LEU A 206 -14.59 14.36 -11.35
N VAL A 207 -15.76 13.79 -11.08
CA VAL A 207 -16.48 12.94 -12.05
C VAL A 207 -16.78 13.72 -13.36
N GLN A 208 -17.06 15.04 -13.26
CA GLN A 208 -17.28 15.88 -14.46
C GLN A 208 -15.95 16.01 -15.20
N TRP A 209 -14.81 16.24 -14.46
CA TRP A 209 -13.48 16.36 -15.07
C TRP A 209 -13.05 15.09 -15.77
N LEU A 210 -13.34 13.92 -15.14
CA LEU A 210 -13.04 12.59 -15.68
C LEU A 210 -13.88 12.33 -16.93
N ASP A 211 -15.18 12.73 -16.92
CA ASP A 211 -16.07 12.59 -18.08
C ASP A 211 -15.59 13.45 -19.27
N THR A 212 -15.12 14.69 -19.02
CA THR A 212 -14.60 15.60 -20.06
C THR A 212 -13.22 15.17 -20.57
N MET A 213 -12.23 15.06 -19.66
CA MET A 213 -10.81 14.76 -19.93
C MET A 213 -10.53 13.34 -20.37
N LYS A 214 -11.33 12.34 -19.91
CA LYS A 214 -11.15 10.91 -20.28
C LYS A 214 -9.69 10.42 -19.99
N PRO A 215 -9.21 10.35 -18.72
CA PRO A 215 -7.82 9.95 -18.47
C PRO A 215 -7.51 8.48 -18.74
N ALA A 216 -6.26 8.18 -19.09
CA ALA A 216 -5.85 6.80 -19.31
C ALA A 216 -5.62 6.09 -18.00
N ALA A 217 -5.22 6.84 -16.94
CA ALA A 217 -4.93 6.26 -15.64
C ALA A 217 -5.39 7.10 -14.47
N PHE A 218 -5.73 6.42 -13.36
CA PHE A 218 -6.22 7.01 -12.12
C PHE A 218 -5.42 6.49 -10.95
N TYR A 219 -5.02 7.39 -10.04
CA TYR A 219 -4.34 7.01 -8.81
C TYR A 219 -5.15 7.49 -7.58
N GLY A 220 -5.19 6.64 -6.54
CA GLY A 220 -5.74 6.98 -5.23
C GLY A 220 -5.81 5.76 -4.33
N THR A 221 -6.77 5.75 -3.41
CA THR A 221 -7.01 4.59 -2.53
C THR A 221 -8.09 3.72 -3.16
N PRO A 222 -8.09 2.37 -2.91
CA PRO A 222 -9.18 1.52 -3.43
C PRO A 222 -10.56 1.96 -2.92
N SER A 223 -10.64 2.48 -1.68
CA SER A 223 -11.86 3.01 -1.05
C SER A 223 -12.36 4.21 -1.83
N TYR A 224 -11.47 5.14 -2.20
CA TYR A 224 -11.88 6.29 -2.99
C TYR A 224 -12.44 5.90 -4.34
N ALA A 225 -11.81 4.95 -5.05
CA ALA A 225 -12.34 4.48 -6.33
C ALA A 225 -13.81 3.98 -6.23
N ILE A 226 -14.16 3.27 -5.14
CA ILE A 226 -15.52 2.77 -4.88
C ILE A 226 -16.47 3.95 -4.66
N HIS A 227 -16.12 4.87 -3.73
CA HIS A 227 -16.93 6.05 -3.40
C HIS A 227 -17.17 6.92 -4.65
N LEU A 228 -16.14 7.10 -5.48
CA LEU A 228 -16.20 7.89 -6.71
C LEU A 228 -17.16 7.30 -7.76
N ALA A 229 -17.26 5.95 -7.87
CA ALA A 229 -18.23 5.34 -8.82
C ALA A 229 -19.66 5.64 -8.36
N GLU A 230 -19.90 5.68 -7.02
CA GLU A 230 -21.22 5.98 -6.44
C GLU A 230 -21.54 7.46 -6.65
N VAL A 231 -20.51 8.32 -6.61
CA VAL A 231 -20.69 9.76 -6.86
C VAL A 231 -21.02 9.97 -8.36
N ALA A 232 -20.29 9.28 -9.27
CA ALA A 232 -20.50 9.35 -10.72
C ALA A 232 -21.96 8.98 -11.04
N ARG A 233 -22.47 7.91 -10.40
CA ARG A 233 -23.85 7.49 -10.56
C ARG A 233 -24.85 8.53 -10.02
N GLU A 234 -24.65 9.10 -8.81
CA GLU A 234 -25.50 10.17 -8.25
C GLU A 234 -25.56 11.36 -9.22
N GLU A 235 -24.40 11.70 -9.84
CA GLU A 235 -24.23 12.79 -10.81
C GLU A 235 -24.70 12.41 -12.24
N LYS A 236 -25.39 11.25 -12.37
CA LYS A 236 -25.97 10.70 -13.61
C LYS A 236 -24.90 10.53 -14.74
N LEU A 237 -23.67 10.18 -14.33
CA LEU A 237 -22.53 9.90 -15.23
C LEU A 237 -22.18 8.42 -15.08
N ASN A 238 -21.66 7.80 -16.15
CA ASN A 238 -21.30 6.38 -16.13
C ASN A 238 -19.78 6.29 -16.03
N PRO A 239 -19.23 5.65 -14.96
CA PRO A 239 -17.76 5.63 -14.78
C PRO A 239 -16.98 4.77 -15.77
N ARG A 240 -17.68 3.95 -16.58
CA ARG A 240 -17.07 3.14 -17.65
C ARG A 240 -16.69 4.05 -18.82
N ASN A 241 -17.30 5.26 -18.88
CA ASN A 241 -17.10 6.23 -19.95
C ASN A 241 -16.13 7.35 -19.56
N PHE A 242 -15.13 7.02 -18.71
CA PHE A 242 -14.09 7.94 -18.26
C PHE A 242 -12.80 7.64 -19.04
N GLY A 243 -12.89 6.69 -19.98
CA GLY A 243 -11.80 6.28 -20.86
C GLY A 243 -10.60 5.65 -20.19
N LEU A 244 -10.75 5.18 -18.94
CA LEU A 244 -9.68 4.60 -18.13
C LEU A 244 -9.19 3.27 -18.63
N LYS A 245 -7.86 3.13 -18.74
CA LYS A 245 -7.25 1.84 -19.12
C LYS A 245 -6.87 1.15 -17.81
N CYS A 246 -6.55 1.96 -16.78
CA CYS A 246 -6.19 1.40 -15.48
C CYS A 246 -6.38 2.36 -14.35
N LEU A 247 -6.44 1.79 -13.15
CA LEU A 247 -6.49 2.49 -11.88
C LEU A 247 -5.41 1.81 -11.04
N PHE A 248 -4.54 2.58 -10.40
CA PHE A 248 -3.48 2.01 -9.57
C PHE A 248 -3.57 2.62 -8.19
N PHE A 249 -3.57 1.78 -7.18
CA PHE A 249 -3.83 2.20 -5.81
C PHE A 249 -2.74 1.83 -4.81
N SER A 250 -2.71 2.60 -3.72
CA SER A 250 -1.86 2.36 -2.55
C SER A 250 -2.54 2.97 -1.31
N GLY A 251 -2.03 2.62 -0.13
CA GLY A 251 -2.47 3.21 1.12
C GLY A 251 -3.17 2.28 2.08
N GLU A 252 -3.75 1.18 1.56
CA GLU A 252 -4.52 0.22 2.33
C GLU A 252 -4.77 -1.01 1.44
N PRO A 253 -5.23 -2.15 2.03
CA PRO A 253 -5.59 -3.31 1.19
C PRO A 253 -6.83 -2.98 0.35
N GLY A 254 -7.06 -3.76 -0.70
CA GLY A 254 -8.21 -3.57 -1.57
C GLY A 254 -7.93 -3.97 -3.00
N ALA A 255 -6.81 -3.48 -3.56
CA ALA A 255 -6.41 -3.74 -4.95
C ALA A 255 -6.04 -5.20 -5.23
N SER A 256 -5.77 -6.00 -4.16
CA SER A 256 -5.55 -7.45 -4.27
C SER A 256 -6.59 -8.18 -3.42
N VAL A 257 -7.71 -7.52 -3.12
CA VAL A 257 -8.81 -8.14 -2.36
C VAL A 257 -9.86 -8.69 -3.35
N PRO A 258 -10.06 -10.03 -3.34
CA PRO A 258 -10.94 -10.70 -4.33
C PRO A 258 -12.16 -9.92 -4.89
N GLY A 259 -13.22 -9.73 -4.09
CA GLY A 259 -14.41 -9.01 -4.53
C GLY A 259 -14.22 -7.51 -4.70
N VAL A 260 -13.24 -6.91 -4.01
CA VAL A 260 -12.98 -5.46 -4.10
C VAL A 260 -12.36 -5.14 -5.47
N LYS A 261 -11.28 -5.87 -5.86
CA LYS A 261 -10.63 -5.69 -7.17
C LYS A 261 -11.65 -5.87 -8.32
N ASP A 262 -12.48 -6.93 -8.24
CA ASP A 262 -13.52 -7.25 -9.23
C ASP A 262 -14.56 -6.15 -9.36
N ARG A 263 -15.04 -5.59 -8.22
CA ARG A 263 -16.02 -4.48 -8.22
C ARG A 263 -15.48 -3.22 -8.90
N ILE A 264 -14.20 -2.86 -8.66
CA ILE A 264 -13.58 -1.65 -9.24
C ILE A 264 -13.34 -1.85 -10.75
N GLU A 265 -12.81 -3.02 -11.16
CA GLU A 265 -12.57 -3.33 -12.57
C GLU A 265 -13.89 -3.28 -13.37
N GLU A 266 -14.98 -3.82 -12.81
CA GLU A 266 -16.32 -3.83 -13.43
C GLU A 266 -16.92 -2.41 -13.52
N ALA A 267 -16.87 -1.65 -12.42
CA ALA A 267 -17.41 -0.29 -12.32
C ALA A 267 -16.80 0.68 -13.34
N TYR A 268 -15.51 0.53 -13.63
CA TYR A 268 -14.76 1.40 -14.51
C TYR A 268 -14.42 0.80 -15.88
N GLY A 269 -14.65 -0.50 -16.06
CA GLY A 269 -14.31 -1.24 -17.28
C GLY A 269 -12.83 -1.10 -17.58
N ALA A 270 -11.97 -1.30 -16.56
CA ALA A 270 -10.52 -1.09 -16.66
C ALA A 270 -9.73 -2.02 -15.74
N LYS A 271 -8.39 -1.99 -15.83
CA LYS A 271 -7.54 -2.83 -15.00
C LYS A 271 -7.12 -2.15 -13.72
N VAL A 272 -7.01 -2.94 -12.63
CA VAL A 272 -6.62 -2.45 -11.31
C VAL A 272 -5.23 -2.97 -10.98
N TYR A 273 -4.34 -2.09 -10.52
CA TYR A 273 -2.99 -2.47 -10.10
C TYR A 273 -2.80 -2.12 -8.65
N ASP A 274 -2.15 -3.04 -7.90
CA ASP A 274 -1.80 -2.85 -6.49
C ASP A 274 -0.32 -2.39 -6.42
N CYS A 275 -0.04 -1.41 -5.53
CA CYS A 275 1.30 -0.89 -5.24
C CYS A 275 1.32 -0.32 -3.83
N GLY A 276 2.50 -0.05 -3.30
CA GLY A 276 2.61 0.59 -1.99
C GLY A 276 3.15 -0.18 -0.83
N SER A 277 4.27 0.31 -0.28
CA SER A 277 4.88 -0.22 0.93
C SER A 277 4.52 0.76 2.05
N MET A 278 5.39 1.76 2.34
CA MET A 278 5.19 2.75 3.41
C MET A 278 5.69 4.09 2.95
N ALA A 279 5.20 5.19 3.57
CA ALA A 279 5.62 6.56 3.30
C ALA A 279 7.09 6.74 3.62
N GLU A 280 7.58 6.10 4.71
CA GLU A 280 8.99 6.13 5.12
C GLU A 280 9.86 5.50 4.04
N MET A 281 9.27 4.55 3.32
CA MET A 281 9.88 3.80 2.22
C MET A 281 9.68 4.39 0.83
N SER A 282 9.38 5.70 0.70
CA SER A 282 9.27 6.28 -0.66
C SER A 282 10.65 6.10 -1.34
N PRO A 283 10.78 5.62 -2.60
CA PRO A 283 9.73 5.24 -3.58
C PRO A 283 8.90 4.03 -3.11
N PHE A 284 7.67 4.28 -2.64
CA PHE A 284 6.77 3.28 -2.06
C PHE A 284 6.18 2.31 -3.07
N MET A 285 6.29 2.61 -4.38
CA MET A 285 5.85 1.68 -5.44
C MET A 285 6.85 0.51 -5.59
N ASN A 286 7.85 0.39 -4.67
CA ASN A 286 8.86 -0.69 -4.65
C ASN A 286 8.21 -2.11 -4.58
N VAL A 287 6.94 -2.14 -4.20
CA VAL A 287 6.05 -3.32 -4.26
C VAL A 287 4.91 -2.85 -5.16
N ALA A 288 4.76 -3.51 -6.33
CA ALA A 288 3.77 -3.16 -7.35
C ALA A 288 3.56 -4.24 -8.38
N GLY A 289 2.30 -4.40 -8.78
CA GLY A 289 1.93 -5.30 -9.86
C GLY A 289 2.29 -4.68 -11.20
N THR A 290 2.37 -5.53 -12.22
CA THR A 290 2.71 -5.08 -13.57
C THR A 290 1.55 -5.43 -14.49
N GLU A 291 1.52 -4.87 -15.71
CA GLU A 291 0.44 -5.14 -16.66
C GLU A 291 0.14 -6.65 -16.84
N GLN A 292 1.19 -7.49 -17.00
CA GLN A 292 1.02 -8.94 -17.20
C GLN A 292 0.95 -9.71 -15.87
N SER A 293 1.77 -9.34 -14.86
CA SER A 293 1.70 -9.95 -13.52
C SER A 293 0.76 -9.02 -12.72
N ASN A 294 -0.52 -8.97 -13.15
CA ASN A 294 -1.51 -8.00 -12.63
C ASN A 294 -2.15 -8.34 -11.29
N ASP A 295 -2.01 -9.60 -10.80
CA ASP A 295 -2.53 -9.97 -9.47
C ASP A 295 -1.40 -9.81 -8.46
N GLY A 296 -1.70 -9.10 -7.37
CA GLY A 296 -0.73 -8.87 -6.34
C GLY A 296 0.35 -7.88 -6.73
N MET A 297 1.51 -8.03 -6.10
CA MET A 297 2.62 -7.11 -6.27
C MET A 297 3.94 -7.83 -6.45
N LEU A 298 4.85 -7.24 -7.20
CA LEU A 298 6.20 -7.77 -7.34
C LEU A 298 7.08 -6.94 -6.40
N CYS A 299 8.14 -7.52 -5.84
CA CYS A 299 9.12 -6.82 -5.01
C CYS A 299 10.25 -6.39 -5.92
N TRP A 300 10.30 -5.09 -6.28
CA TRP A 300 11.34 -4.50 -7.14
C TRP A 300 12.64 -4.32 -6.30
N GLN A 301 13.34 -5.46 -6.08
CA GLN A 301 14.49 -5.64 -5.20
C GLN A 301 15.69 -4.70 -5.41
N ASP A 302 15.98 -4.28 -6.66
CA ASP A 302 17.09 -3.35 -6.95
C ASP A 302 16.73 -1.87 -6.67
N ILE A 303 15.48 -1.57 -6.27
CA ILE A 303 15.06 -0.21 -5.88
C ILE A 303 15.11 -0.13 -4.34
N ILE A 304 14.41 -1.08 -3.70
CA ILE A 304 14.33 -1.27 -2.24
C ILE A 304 14.39 -2.77 -1.99
N TYR A 305 15.27 -3.20 -1.07
CA TYR A 305 15.39 -4.60 -0.71
C TYR A 305 14.30 -5.01 0.29
N THR A 306 13.37 -5.86 -0.17
CA THR A 306 12.27 -6.36 0.66
C THR A 306 12.62 -7.76 1.20
N GLU A 307 12.42 -7.96 2.50
CA GLU A 307 12.56 -9.25 3.17
C GLU A 307 11.24 -9.53 3.85
N VAL A 308 10.64 -10.70 3.60
CA VAL A 308 9.41 -11.08 4.31
C VAL A 308 9.90 -11.99 5.45
N CYS A 309 9.78 -11.49 6.69
CA CYS A 309 10.37 -12.07 7.87
C CYS A 309 9.40 -12.63 8.89
N ASP A 310 9.90 -13.58 9.68
CA ASP A 310 9.19 -14.13 10.79
C ASP A 310 9.28 -13.05 11.92
N PRO A 311 8.13 -12.53 12.42
CA PRO A 311 8.17 -11.49 13.47
C PRO A 311 8.85 -11.90 14.78
N ALA A 312 8.96 -13.21 15.02
CA ALA A 312 9.62 -13.77 16.20
C ALA A 312 11.15 -13.62 16.14
N ASN A 313 11.76 -13.50 14.94
CA ASN A 313 13.25 -13.41 14.87
C ASN A 313 13.82 -12.47 13.79
N MET A 314 12.97 -11.81 12.98
CA MET A 314 13.35 -10.87 11.91
C MET A 314 14.28 -11.51 10.83
N ARG A 315 14.11 -12.82 10.60
CA ARG A 315 14.81 -13.58 9.57
C ARG A 315 13.78 -13.96 8.53
N ARG A 316 14.19 -14.05 7.25
CA ARG A 316 13.32 -14.36 6.10
C ARG A 316 12.58 -15.67 6.27
N VAL A 317 11.29 -15.70 5.90
CA VAL A 317 10.50 -16.94 5.93
C VAL A 317 10.70 -17.62 4.56
N PRO A 318 10.56 -18.96 4.39
CA PRO A 318 10.70 -19.53 3.04
C PRO A 318 9.61 -18.99 2.12
N TYR A 319 9.80 -19.11 0.79
CA TYR A 319 8.78 -18.72 -0.19
C TYR A 319 7.60 -19.68 -0.05
N GLY A 320 6.40 -19.13 -0.11
CA GLY A 320 5.18 -19.91 0.08
C GLY A 320 4.60 -19.69 1.46
N GLN A 321 5.37 -19.02 2.34
CA GLN A 321 4.98 -18.73 3.72
C GLN A 321 4.72 -17.25 3.98
N ARG A 322 3.97 -16.99 5.06
CA ARG A 322 3.58 -15.67 5.52
C ARG A 322 4.61 -15.07 6.48
N GLY A 323 4.72 -13.74 6.45
CA GLY A 323 5.59 -12.98 7.31
C GLY A 323 5.36 -11.49 7.21
N THR A 324 6.24 -10.73 7.85
CA THR A 324 6.17 -9.28 7.87
C THR A 324 7.24 -8.64 6.97
N PRO A 325 6.83 -7.78 6.00
CA PRO A 325 7.84 -7.06 5.18
C PRO A 325 8.78 -6.16 6.01
N VAL A 326 10.08 -6.30 5.74
CA VAL A 326 11.16 -5.52 6.34
C VAL A 326 11.84 -4.89 5.11
N TYR A 327 11.99 -3.56 5.11
CA TYR A 327 12.46 -2.86 3.93
C TYR A 327 13.74 -2.06 4.11
N THR A 328 14.58 -2.04 3.04
CA THR A 328 15.82 -1.28 2.98
C THR A 328 15.94 -0.47 1.68
N HIS A 329 16.20 0.84 1.80
CA HIS A 329 16.47 1.74 0.67
C HIS A 329 17.81 1.40 0.03
N LEU A 330 17.84 1.29 -1.31
CA LEU A 330 19.12 1.08 -2.01
C LEU A 330 19.56 2.35 -2.79
N GLU A 331 18.66 3.34 -2.94
CA GLU A 331 18.90 4.54 -3.73
C GLU A 331 18.49 5.83 -3.03
N ARG A 332 18.75 5.93 -1.71
CA ARG A 332 18.41 7.14 -0.94
C ARG A 332 19.54 7.58 -0.01
N THR A 333 19.83 8.91 0.00
CA THR A 333 20.83 9.53 0.85
C THR A 333 20.18 10.30 2.04
N SER A 334 18.90 10.69 1.92
CA SER A 334 18.21 11.43 3.00
C SER A 334 17.24 10.52 3.71
N GLN A 335 17.28 10.50 5.06
CA GLN A 335 16.48 9.61 5.92
C GLN A 335 16.47 8.17 5.36
N PRO A 336 17.64 7.54 5.03
CA PRO A 336 17.59 6.18 4.47
C PRO A 336 17.12 5.19 5.53
N MET A 337 16.24 4.27 5.13
CA MET A 337 15.66 3.25 6.00
C MET A 337 16.34 1.94 5.76
N ILE A 338 16.94 1.39 6.82
CA ILE A 338 17.67 0.14 6.76
C ILE A 338 17.00 -0.85 7.69
N ARG A 339 16.37 -1.86 7.09
CA ARG A 339 15.61 -2.90 7.77
C ARG A 339 14.48 -2.26 8.59
N LEU A 340 13.70 -1.37 7.95
CA LEU A 340 12.51 -0.81 8.62
C LEU A 340 11.41 -1.91 8.66
N LEU A 341 10.95 -2.20 9.88
CA LEU A 341 9.90 -3.16 10.17
C LEU A 341 8.53 -2.54 9.82
N SER A 342 7.82 -3.13 8.85
CA SER A 342 6.52 -2.59 8.45
C SER A 342 5.42 -2.87 9.46
N GLY A 343 5.47 -4.04 10.10
CA GLY A 343 4.46 -4.50 11.04
C GLY A 343 3.22 -5.02 10.31
N ASP A 344 3.34 -5.27 8.99
CA ASP A 344 2.25 -5.75 8.14
C ASP A 344 2.35 -7.23 7.94
N LEU A 345 1.29 -7.86 7.40
CA LEU A 345 1.33 -9.27 7.08
C LEU A 345 1.17 -9.47 5.59
N THR A 346 1.93 -10.42 5.03
CA THR A 346 1.89 -10.82 3.62
C THR A 346 2.37 -12.27 3.48
N LEU A 347 2.31 -12.77 2.26
CA LEU A 347 2.82 -14.05 1.78
C LEU A 347 3.64 -13.71 0.53
N TRP A 348 4.84 -14.31 0.43
CA TRP A 348 5.69 -14.12 -0.74
C TRP A 348 6.03 -15.45 -1.38
N THR A 349 6.16 -15.45 -2.70
CA THR A 349 6.52 -16.61 -3.52
C THR A 349 7.61 -16.16 -4.50
N ASN A 350 8.30 -17.11 -5.14
CA ASN A 350 9.34 -16.78 -6.11
C ASN A 350 9.18 -17.63 -7.40
N ASP A 351 7.94 -17.78 -7.86
CA ASP A 351 7.64 -18.54 -9.08
C ASP A 351 7.80 -17.62 -10.30
N GLU A 352 7.80 -18.18 -11.53
CA GLU A 352 7.95 -17.38 -12.75
C GLU A 352 6.80 -16.34 -12.87
N ASN A 353 7.09 -15.11 -13.31
CA ASN A 353 6.06 -14.08 -13.44
C ASN A 353 5.60 -13.92 -14.88
N PRO A 354 4.28 -13.72 -15.15
CA PRO A 354 3.82 -13.54 -16.55
C PRO A 354 4.52 -12.41 -17.34
N CYS A 355 4.93 -11.33 -16.67
CA CYS A 355 5.64 -10.22 -17.35
C CYS A 355 7.10 -10.58 -17.67
N GLY A 356 7.61 -11.64 -17.04
CA GLY A 356 8.99 -12.10 -17.22
C GLY A 356 9.99 -11.39 -16.32
N ARG A 357 9.51 -10.55 -15.38
CA ARG A 357 10.39 -9.88 -14.41
C ARG A 357 10.78 -10.93 -13.37
N THR A 358 12.10 -11.03 -13.10
CA THR A 358 12.66 -12.04 -12.17
C THR A 358 12.70 -11.52 -10.72
N TYR A 359 11.55 -11.10 -10.19
CA TYR A 359 11.39 -10.57 -8.84
C TYR A 359 10.51 -11.49 -7.99
N PRO A 360 10.69 -11.49 -6.64
CA PRO A 360 9.74 -12.20 -5.77
C PRO A 360 8.39 -11.49 -5.86
N ARG A 361 7.33 -12.18 -5.48
CA ARG A 361 5.96 -11.69 -5.59
C ARG A 361 5.21 -11.82 -4.26
N LEU A 362 4.25 -10.92 -4.06
CA LEU A 362 3.27 -10.92 -2.99
C LEU A 362 1.95 -11.21 -3.79
N PRO A 363 1.64 -12.51 -4.08
CA PRO A 363 0.48 -12.82 -4.96
C PRO A 363 -0.90 -12.34 -4.50
N GLN A 364 -1.05 -12.07 -3.18
CA GLN A 364 -2.30 -11.65 -2.55
C GLN A 364 -2.17 -10.26 -1.92
N GLY A 365 -1.15 -9.52 -2.35
CA GLY A 365 -0.82 -8.21 -1.82
C GLY A 365 -0.47 -8.30 -0.35
N ILE A 366 -0.89 -7.30 0.42
CA ILE A 366 -0.63 -7.19 1.85
C ILE A 366 -1.97 -7.25 2.54
N PHE A 367 -2.10 -8.19 3.50
CA PHE A 367 -3.34 -8.50 4.19
C PHE A 367 -3.80 -7.38 5.12
N GLY A 368 -2.85 -6.69 5.73
CA GLY A 368 -3.12 -5.60 6.66
C GLY A 368 -2.02 -5.46 7.69
N ARG A 369 -2.23 -4.56 8.65
CA ARG A 369 -1.30 -4.32 9.75
C ARG A 369 -1.60 -5.38 10.84
N ILE A 370 -0.55 -6.09 11.33
CA ILE A 370 -0.66 -7.13 12.37
C ILE A 370 -1.46 -6.64 13.59
N ASP A 371 -1.25 -5.36 14.00
CA ASP A 371 -1.96 -4.73 15.12
C ASP A 371 -3.47 -4.57 14.90
N ASP A 372 -3.91 -4.48 13.64
CA ASP A 372 -5.33 -4.32 13.28
C ASP A 372 -6.10 -5.63 13.47
N MET A 373 -5.39 -6.77 13.41
CA MET A 373 -5.98 -8.08 13.60
C MET A 373 -6.64 -8.17 15.01
N PHE A 374 -7.79 -8.85 15.08
CA PHE A 374 -8.51 -9.09 16.33
C PHE A 374 -8.82 -10.58 16.39
N THR A 375 -9.04 -11.10 17.60
CA THR A 375 -9.32 -12.51 17.80
C THR A 375 -10.74 -12.71 18.33
N ILE A 376 -11.45 -13.67 17.76
CA ILE A 376 -12.80 -14.06 18.21
C ILE A 376 -12.83 -15.58 18.35
N ARG A 377 -12.98 -16.06 19.62
CA ARG A 377 -13.00 -17.48 20.01
C ARG A 377 -11.77 -18.26 19.46
N GLY A 378 -10.58 -17.73 19.73
CA GLY A 378 -9.31 -18.31 19.33
C GLY A 378 -8.99 -18.22 17.84
N GLU A 379 -9.87 -17.55 17.08
CA GLU A 379 -9.67 -17.39 15.64
C GLU A 379 -9.15 -15.97 15.31
N ASN A 380 -8.01 -15.90 14.60
CA ASN A 380 -7.35 -14.64 14.20
C ASN A 380 -7.98 -14.09 12.93
N ILE A 381 -8.45 -12.84 12.98
CA ILE A 381 -9.15 -12.23 11.84
C ILE A 381 -8.60 -10.86 11.48
N TYR A 382 -8.33 -10.68 10.17
CA TYR A 382 -7.90 -9.42 9.58
C TYR A 382 -9.12 -8.74 8.96
N PRO A 383 -9.33 -7.42 9.18
CA PRO A 383 -10.49 -6.73 8.59
C PRO A 383 -10.70 -6.92 7.08
N SER A 384 -9.58 -7.10 6.32
CA SER A 384 -9.62 -7.32 4.87
C SER A 384 -10.35 -8.64 4.48
N GLU A 385 -10.41 -9.63 5.42
CA GLU A 385 -11.06 -10.93 5.20
C GLU A 385 -12.57 -10.78 5.18
N ILE A 386 -13.08 -9.89 6.06
CA ILE A 386 -14.49 -9.51 6.18
C ILE A 386 -14.88 -8.70 4.93
N ASP A 387 -14.08 -7.67 4.57
CA ASP A 387 -14.28 -6.85 3.38
C ASP A 387 -14.33 -7.73 2.13
N ALA A 388 -13.46 -8.77 2.05
CA ALA A 388 -13.44 -9.71 0.94
C ALA A 388 -14.74 -10.54 0.85
N ALA A 389 -15.21 -11.09 2.00
CA ALA A 389 -16.41 -11.93 2.06
C ALA A 389 -17.67 -11.13 1.69
N LEU A 390 -17.79 -9.89 2.23
CA LEU A 390 -18.94 -9.04 1.96
C LEU A 390 -19.01 -8.54 0.50
N ASN A 391 -17.84 -8.20 -0.11
CA ASN A 391 -17.78 -7.71 -1.48
C ASN A 391 -18.04 -8.78 -2.52
N GLN A 392 -17.97 -10.04 -2.13
CA GLN A 392 -18.25 -11.16 -3.03
C GLN A 392 -19.74 -11.52 -3.03
N MET A 393 -20.57 -10.74 -2.29
CA MET A 393 -22.03 -10.91 -2.17
C MET A 393 -22.76 -9.86 -3.03
N SER A 394 -23.74 -10.31 -3.87
CA SER A 394 -24.53 -9.44 -4.76
C SER A 394 -25.35 -8.34 -4.03
N GLY A 395 -25.91 -8.67 -2.87
CA GLY A 395 -26.75 -7.80 -2.06
C GLY A 395 -26.04 -6.80 -1.16
N TYR A 396 -24.70 -6.89 -1.06
CA TYR A 396 -23.90 -5.97 -0.25
C TYR A 396 -23.90 -4.54 -0.84
N GLY A 397 -24.17 -3.55 0.01
CA GLY A 397 -24.31 -2.14 -0.35
C GLY A 397 -23.07 -1.28 -0.47
N GLY A 398 -21.88 -1.86 -0.28
CA GLY A 398 -20.63 -1.10 -0.43
C GLY A 398 -19.95 -0.64 0.83
N GLU A 399 -20.63 -0.68 1.99
CA GLU A 399 -20.02 -0.28 3.27
C GLU A 399 -20.44 -1.12 4.45
N HIS A 400 -19.55 -1.14 5.45
CA HIS A 400 -19.75 -1.85 6.71
C HIS A 400 -18.81 -1.29 7.78
N ARG A 401 -19.06 -1.64 9.04
CA ARG A 401 -18.23 -1.31 10.20
C ARG A 401 -18.13 -2.63 10.99
N ILE A 402 -16.95 -2.90 11.56
CA ILE A 402 -16.69 -4.03 12.45
C ILE A 402 -16.64 -3.40 13.84
N VAL A 403 -17.43 -3.92 14.78
CA VAL A 403 -17.50 -3.39 16.16
C VAL A 403 -16.87 -4.41 17.11
N ILE A 404 -15.71 -4.04 17.71
CA ILE A 404 -14.94 -4.93 18.58
C ILE A 404 -14.58 -4.34 19.95
N THR A 405 -13.96 -5.19 20.77
CA THR A 405 -13.37 -4.84 22.06
C THR A 405 -12.03 -5.56 22.23
N ARG A 406 -11.01 -4.83 22.66
CA ARG A 406 -9.71 -5.47 22.91
C ARG A 406 -9.49 -5.63 24.42
N GLU A 407 -10.35 -4.99 25.22
CA GLU A 407 -10.38 -4.98 26.68
C GLU A 407 -10.86 -6.32 27.28
N SER A 408 -11.65 -7.09 26.52
CA SER A 408 -12.18 -8.38 26.96
C SER A 408 -12.30 -9.36 25.79
N ALA A 409 -12.43 -10.68 26.09
CA ALA A 409 -12.56 -11.72 25.05
C ALA A 409 -13.91 -11.64 24.31
N MET A 410 -13.88 -11.81 22.97
CA MET A 410 -15.09 -11.76 22.14
C MET A 410 -15.53 -13.16 21.72
N ASP A 411 -16.83 -13.46 21.94
CA ASP A 411 -17.43 -14.75 21.59
C ASP A 411 -17.96 -14.76 20.14
N GLU A 412 -18.45 -13.58 19.69
CA GLU A 412 -18.98 -13.42 18.33
C GLU A 412 -18.45 -12.14 17.70
N LEU A 413 -18.54 -12.07 16.38
CA LEU A 413 -18.18 -10.93 15.55
C LEU A 413 -19.41 -10.05 15.35
N LEU A 414 -19.31 -8.74 15.65
CA LEU A 414 -20.43 -7.80 15.49
C LEU A 414 -20.18 -6.97 14.22
N LEU A 415 -21.11 -7.08 13.28
CA LEU A 415 -21.04 -6.34 12.01
C LEU A 415 -22.27 -5.46 11.82
N ARG A 416 -22.04 -4.23 11.33
CA ARG A 416 -23.05 -3.25 10.91
C ARG A 416 -22.86 -3.24 9.40
N VAL A 417 -23.81 -3.83 8.65
CA VAL A 417 -23.68 -3.94 7.19
C VAL A 417 -24.79 -3.21 6.44
N GLU A 418 -24.41 -2.54 5.34
CA GLU A 418 -25.35 -1.90 4.44
C GLU A 418 -25.82 -2.87 3.37
N PRO A 419 -27.14 -3.00 3.16
CA PRO A 419 -27.63 -3.76 1.98
C PRO A 419 -27.61 -2.81 0.77
N SER A 420 -27.79 -3.32 -0.45
CA SER A 420 -27.88 -2.45 -1.62
C SER A 420 -29.24 -1.73 -1.64
N GLU A 421 -29.34 -0.63 -2.42
CA GLU A 421 -30.60 0.12 -2.57
C GLU A 421 -31.74 -0.78 -3.14
N SER A 422 -31.36 -1.73 -4.05
CA SER A 422 -32.30 -2.67 -4.68
C SER A 422 -32.80 -3.76 -3.72
N VAL A 423 -31.92 -4.21 -2.79
CA VAL A 423 -32.28 -5.18 -1.73
C VAL A 423 -33.27 -4.47 -0.77
N HIS A 424 -33.00 -3.18 -0.46
CA HIS A 424 -33.84 -2.34 0.41
C HIS A 424 -35.25 -2.11 -0.21
N ALA A 425 -35.30 -1.69 -1.50
CA ALA A 425 -36.51 -1.47 -2.30
C ALA A 425 -37.37 -2.74 -2.42
N ALA A 426 -36.71 -3.93 -2.36
CA ALA A 426 -37.38 -5.23 -2.41
C ALA A 426 -38.19 -5.59 -1.16
N GLY A 427 -38.10 -4.78 -0.11
CA GLY A 427 -38.90 -4.98 1.12
C GLY A 427 -38.23 -5.70 2.28
N ALA A 428 -38.96 -5.76 3.42
CA ALA A 428 -38.55 -6.31 4.71
C ALA A 428 -38.05 -7.77 4.70
N ALA A 429 -38.72 -8.66 3.96
CA ALA A 429 -38.30 -10.05 3.87
C ALA A 429 -37.00 -10.17 3.09
N ALA A 430 -36.82 -9.33 2.01
CA ALA A 430 -35.61 -9.32 1.20
C ALA A 430 -34.41 -8.82 2.03
N LEU A 431 -34.63 -7.80 2.91
CA LEU A 431 -33.63 -7.25 3.84
C LEU A 431 -33.22 -8.32 4.85
N GLU A 432 -34.20 -9.00 5.47
CA GLU A 432 -33.96 -10.09 6.41
C GLU A 432 -33.16 -11.23 5.78
N THR A 433 -33.54 -11.65 4.56
CA THR A 433 -32.84 -12.70 3.80
C THR A 433 -31.37 -12.31 3.58
N PHE A 434 -31.11 -11.02 3.27
CA PHE A 434 -29.74 -10.56 3.05
C PHE A 434 -28.93 -10.62 4.34
N ARG A 435 -29.48 -10.04 5.44
CA ARG A 435 -28.90 -10.04 6.79
C ARG A 435 -28.47 -11.45 7.24
N THR A 436 -29.36 -12.46 7.09
CA THR A 436 -29.07 -13.86 7.46
C THR A 436 -28.04 -14.50 6.52
N GLU A 437 -28.08 -14.15 5.24
CA GLU A 437 -27.13 -14.64 4.25
C GLU A 437 -25.71 -14.08 4.49
N ALA A 438 -25.60 -12.77 4.85
CA ALA A 438 -24.34 -12.08 5.16
C ALA A 438 -23.72 -12.76 6.39
N SER A 439 -24.53 -12.94 7.46
CA SER A 439 -24.18 -13.65 8.71
C SER A 439 -23.61 -15.04 8.44
N HIS A 440 -24.29 -15.85 7.63
CA HIS A 440 -23.86 -17.21 7.27
C HIS A 440 -22.57 -17.22 6.49
N ARG A 441 -22.46 -16.37 5.45
CA ARG A 441 -21.30 -16.30 4.56
C ARG A 441 -20.02 -15.98 5.34
N VAL A 442 -20.11 -14.98 6.23
CA VAL A 442 -19.01 -14.53 7.09
C VAL A 442 -18.64 -15.68 8.05
N GLN A 443 -19.66 -16.41 8.58
CA GLN A 443 -19.46 -17.55 9.47
C GLN A 443 -18.72 -18.68 8.78
N THR A 444 -19.05 -18.94 7.51
CA THR A 444 -18.44 -19.99 6.70
C THR A 444 -16.98 -19.64 6.36
N VAL A 445 -16.71 -18.37 5.99
CA VAL A 445 -15.38 -17.89 5.61
C VAL A 445 -14.41 -17.92 6.80
N LEU A 446 -14.83 -17.32 7.93
CA LEU A 446 -14.04 -17.15 9.15
C LEU A 446 -14.10 -18.32 10.17
N GLY A 447 -15.16 -19.12 10.14
CA GLY A 447 -15.35 -20.23 11.08
C GLY A 447 -15.71 -19.75 12.48
N VAL A 448 -16.42 -18.61 12.53
CA VAL A 448 -16.80 -17.94 13.78
C VAL A 448 -18.23 -17.34 13.68
N ARG A 449 -18.94 -17.22 14.81
CA ARG A 449 -20.29 -16.66 14.87
C ARG A 449 -20.29 -15.16 14.56
N ALA A 450 -21.12 -14.73 13.59
CA ALA A 450 -21.20 -13.33 13.21
C ALA A 450 -22.63 -12.78 13.35
N LYS A 451 -22.79 -11.74 14.17
CA LYS A 451 -24.05 -11.04 14.37
C LYS A 451 -24.05 -9.85 13.42
N VAL A 452 -25.06 -9.76 12.54
CA VAL A 452 -25.18 -8.70 11.56
C VAL A 452 -26.37 -7.79 11.86
N GLU A 453 -26.10 -6.48 11.98
CA GLU A 453 -27.13 -5.47 12.12
C GLU A 453 -27.14 -4.69 10.79
N LEU A 454 -28.32 -4.60 10.16
CA LEU A 454 -28.43 -3.87 8.90
C LEU A 454 -28.61 -2.40 9.20
N VAL A 455 -27.96 -1.56 8.40
CA VAL A 455 -28.12 -0.11 8.52
C VAL A 455 -28.64 0.37 7.16
N ALA A 456 -29.23 1.56 7.13
CA ALA A 456 -29.82 2.14 5.92
C ALA A 456 -28.79 2.30 4.80
N PRO A 457 -29.18 2.07 3.52
CA PRO A 457 -28.22 2.31 2.42
C PRO A 457 -27.65 3.74 2.44
N ASN A 458 -26.34 3.86 2.16
CA ASN A 458 -25.58 5.11 2.10
C ASN A 458 -25.54 5.93 3.43
N SER A 459 -25.80 5.28 4.58
CA SER A 459 -25.76 5.92 5.90
C SER A 459 -24.32 5.93 6.46
N ILE A 460 -23.53 4.89 6.18
CA ILE A 460 -22.13 4.77 6.62
C ILE A 460 -21.24 5.75 5.82
N ALA A 461 -20.38 6.49 6.53
CA ALA A 461 -19.46 7.46 5.93
C ALA A 461 -18.50 6.78 4.95
N ARG A 462 -18.43 7.33 3.74
CA ARG A 462 -17.48 6.89 2.70
C ARG A 462 -16.21 7.79 2.91
N THR A 463 -15.07 7.42 2.30
CA THR A 463 -13.82 8.20 2.37
C THR A 463 -13.10 8.32 1.00
N ASP A 464 -12.33 9.44 0.84
CA ASP A 464 -11.44 9.67 -0.30
C ASP A 464 -9.97 9.33 0.12
N PHE A 465 -9.81 8.79 1.34
CA PHE A 465 -8.54 8.39 1.95
C PHE A 465 -8.60 6.92 2.36
N LYS A 466 -8.07 6.55 3.51
CA LYS A 466 -8.03 5.18 4.02
C LYS A 466 -9.28 4.87 4.85
N ALA A 467 -9.93 3.75 4.56
CA ALA A 467 -11.12 3.32 5.30
C ALA A 467 -10.75 2.86 6.73
N ARG A 468 -11.51 3.31 7.74
CA ARG A 468 -11.32 2.88 9.13
C ARG A 468 -12.62 2.14 9.51
N ARG A 469 -12.69 0.86 9.15
CA ARG A 469 -13.92 0.08 9.39
C ARG A 469 -14.01 -0.54 10.77
N VAL A 470 -12.90 -0.59 11.53
CA VAL A 470 -12.94 -1.16 12.86
C VAL A 470 -13.21 -0.07 13.91
N ILE A 471 -14.26 -0.30 14.73
CA ILE A 471 -14.67 0.53 15.87
C ILE A 471 -14.31 -0.36 17.05
N ASP A 472 -13.21 -0.01 17.74
CA ASP A 472 -12.62 -0.79 18.83
C ASP A 472 -13.10 -0.36 20.25
N ASP A 473 -14.16 0.47 20.32
CA ASP A 473 -14.77 1.01 21.55
C ASP A 473 -15.58 -0.04 22.36
N ARG A 474 -15.23 -0.21 23.64
CA ARG A 474 -15.87 -1.14 24.57
C ARG A 474 -17.35 -0.79 24.80
N GLU A 475 -17.68 0.50 24.97
CA GLU A 475 -19.04 1.00 25.17
C GLU A 475 -19.90 0.73 23.92
N VAL A 476 -19.36 1.04 22.73
CA VAL A 476 -20.04 0.82 21.45
C VAL A 476 -20.30 -0.69 21.25
N PHE A 477 -19.27 -1.54 21.53
CA PHE A 477 -19.39 -3.00 21.42
C PHE A 477 -20.52 -3.54 22.31
N ARG A 478 -20.51 -3.13 23.61
CA ARG A 478 -21.50 -3.55 24.60
C ARG A 478 -22.91 -3.10 24.20
N ALA A 479 -23.06 -1.82 23.79
CA ALA A 479 -24.33 -1.24 23.33
C ALA A 479 -24.91 -2.01 22.15
N LEU A 480 -24.05 -2.40 21.18
CA LEU A 480 -24.48 -3.16 19.99
C LEU A 480 -24.89 -4.61 20.34
N ASN A 481 -24.08 -5.33 21.15
CA ASN A 481 -24.37 -6.71 21.55
C ASN A 481 -25.71 -6.80 22.29
N GLN A 482 -25.95 -5.86 23.23
CA GLN A 482 -27.19 -5.75 24.00
C GLN A 482 -28.39 -5.40 23.09
N GLN A 483 -28.18 -4.55 22.06
CA GLN A 483 -29.22 -4.15 21.11
C GLN A 483 -29.59 -5.35 20.19
N LEU A 484 -28.58 -6.12 19.75
CA LEU A 484 -28.73 -7.30 18.91
C LEU A 484 -29.37 -8.44 19.69
N GLN A 485 -29.05 -8.56 21.00
CA GLN A 485 -29.64 -9.55 21.89
C GLN A 485 -31.13 -9.24 22.13
N SER A 486 -31.52 -7.95 22.11
CA SER A 486 -32.90 -7.50 22.34
C SER A 486 -33.83 -7.83 21.16
N SER A 487 -33.43 -7.44 19.93
CA SER A 487 -34.17 -7.64 18.67
C SER A 487 -34.39 -9.11 18.34
#